data_8U00
#
_entry.id   8U00
#
_cell.length_a   85.341
_cell.length_b   85.341
_cell.length_c   78.844
_cell.angle_alpha   90.000
_cell.angle_beta   90.000
_cell.angle_gamma   90.000
#
_symmetry.space_group_name_H-M   'P 42'
#
loop_
_entity.id
_entity.type
_entity.pdbx_description
1 polymer 'Metallo-beta-lactamase superfamily protein'
2 non-polymer 1,2-ETHANEDIOL
3 non-polymer 'ZINC ION'
4 non-polymer 'MAGNESIUM ION'
5 non-polymer 'CHLORIDE ION'
6 non-polymer GLYCEROL
7 non-polymer 'NICKEL (II) ION'
8 water water
#
_entity_poly.entity_id   1
_entity_poly.type   'polypeptide(L)'
_entity_poly.pdbx_seq_one_letter_code
;SNADDMPANWTKPTKPYRVVGNIYYVGTEGISSWLITSSEGHVVLDGGPNAETGKLVEHNITALGFQLADVKILINTHAH
YDHAGGLAQLKADTGAKLWISRDDAPAMTAGHHIGDNTYGPTPMPAVKSDRSFGDQTKLKLGEIAMVAHLTPGHTIGCTS
WTTAVVEKGRPLTVTFPCSLSVAGNVLVGNKTHRTIVADYRASFAKLRAIPTDVMLPAHEEQGNLLAKRQKQLRGDPNAF
VDPTELARFVDASEAAFNKELARQQAAGPKR
;
_entity_poly.pdbx_strand_id   A,B
#
# COMPACT_ATOMS: atom_id res chain seq x y z
N SER A 1 -43.18 5.69 18.83
CA SER A 1 -41.91 6.06 18.17
C SER A 1 -41.18 4.81 17.75
N ASN A 2 -39.97 4.97 17.19
N ASN A 2 -39.97 4.97 17.18
CA ASN A 2 -39.30 3.83 16.59
CA ASN A 2 -39.26 3.84 16.57
C ASN A 2 -39.17 2.68 17.57
C ASN A 2 -39.13 2.68 17.55
N ALA A 3 -39.60 1.49 17.14
CA ALA A 3 -39.60 0.32 18.00
C ALA A 3 -38.25 -0.39 18.03
N ASP A 4 -37.38 -0.08 17.07
CA ASP A 4 -36.04 -0.69 16.97
C ASP A 4 -36.06 -2.20 17.16
N ASP A 5 -37.04 -2.87 16.53
CA ASP A 5 -36.89 -4.29 16.25
C ASP A 5 -35.70 -4.50 15.33
N MET A 6 -35.02 -5.63 15.49
CA MET A 6 -33.85 -5.91 14.66
C MET A 6 -34.18 -6.93 13.60
N PRO A 7 -33.89 -6.65 12.32
CA PRO A 7 -34.00 -7.71 11.31
C PRO A 7 -33.20 -8.94 11.73
N ALA A 8 -33.72 -10.11 11.39
CA ALA A 8 -33.17 -11.35 11.94
C ALA A 8 -31.70 -11.52 11.56
N ASN A 9 -31.34 -11.14 10.33
CA ASN A 9 -29.98 -11.43 9.89
C ASN A 9 -28.92 -10.53 10.51
N TRP A 10 -29.31 -9.48 11.24
CA TRP A 10 -28.32 -8.64 11.93
C TRP A 10 -27.55 -9.41 12.99
N THR A 11 -28.16 -10.44 13.58
CA THR A 11 -27.49 -11.22 14.60
C THR A 11 -27.26 -12.67 14.18
N LYS A 12 -27.49 -13.00 12.90
CA LYS A 12 -27.29 -14.36 12.42
C LYS A 12 -25.82 -14.58 12.08
N PRO A 13 -25.18 -15.62 12.61
CA PRO A 13 -23.77 -15.86 12.29
C PRO A 13 -23.55 -16.19 10.82
N THR A 14 -22.40 -15.77 10.30
CA THR A 14 -21.96 -16.18 8.98
C THR A 14 -20.47 -16.46 9.03
N LYS A 15 -20.00 -17.30 8.12
CA LYS A 15 -18.60 -17.72 8.16
C LYS A 15 -17.69 -16.55 7.77
N PRO A 16 -16.62 -16.29 8.51
CA PRO A 16 -15.70 -15.21 8.12
C PRO A 16 -14.82 -15.62 6.95
N TYR A 17 -14.26 -14.61 6.27
CA TYR A 17 -13.44 -14.89 5.09
C TYR A 17 -12.55 -13.71 4.74
N ARG A 18 -11.47 -13.98 3.99
CA ARG A 18 -10.64 -12.91 3.46
C ARG A 18 -11.32 -12.27 2.25
N VAL A 19 -11.40 -10.93 2.26
CA VAL A 19 -12.01 -10.18 1.18
C VAL A 19 -10.98 -9.89 0.10
N VAL A 20 -10.09 -8.93 0.38
CA VAL A 20 -9.02 -8.54 -0.53
C VAL A 20 -7.85 -8.09 0.33
N GLY A 21 -6.64 -8.31 -0.17
CA GLY A 21 -5.45 -7.92 0.59
C GLY A 21 -5.45 -8.47 2.00
N ASN A 22 -5.25 -7.59 2.99
CA ASN A 22 -5.26 -7.96 4.39
C ASN A 22 -6.58 -7.60 5.08
N ILE A 23 -7.68 -7.59 4.34
CA ILE A 23 -9.00 -7.21 4.87
C ILE A 23 -9.88 -8.45 4.92
N TYR A 24 -10.47 -8.71 6.08
CA TYR A 24 -11.28 -9.90 6.33
C TYR A 24 -12.65 -9.48 6.83
N TYR A 25 -13.66 -10.21 6.39
CA TYR A 25 -15.02 -10.01 6.88
C TYR A 25 -15.26 -10.89 8.10
N VAL A 26 -15.69 -10.26 9.21
CA VAL A 26 -15.85 -10.98 10.47
C VAL A 26 -17.16 -10.60 11.13
N GLY A 27 -18.11 -10.06 10.35
CA GLY A 27 -19.39 -9.64 10.88
C GLY A 27 -20.45 -10.73 10.82
N THR A 28 -21.70 -10.32 10.93
CA THR A 28 -22.83 -11.23 10.86
C THR A 28 -23.34 -11.32 9.43
N GLU A 29 -24.40 -12.11 9.20
CA GLU A 29 -25.02 -12.13 7.88
C GLU A 29 -25.37 -10.73 7.41
N GLY A 30 -25.93 -9.92 8.31
CA GLY A 30 -26.42 -8.61 7.91
C GLY A 30 -25.62 -7.38 8.30
N ILE A 31 -24.81 -7.42 9.35
CA ILE A 31 -24.10 -6.26 9.85
C ILE A 31 -22.59 -6.50 9.69
N SER A 32 -21.91 -5.57 9.03
CA SER A 32 -20.51 -5.80 8.71
C SER A 32 -19.62 -5.57 9.93
N SER A 33 -18.52 -6.34 9.98
CA SER A 33 -17.39 -6.00 10.81
C SER A 33 -16.16 -6.42 10.02
N TRP A 34 -15.09 -5.66 10.12
CA TRP A 34 -13.92 -5.88 9.27
C TRP A 34 -12.69 -6.01 10.13
N LEU A 35 -11.84 -6.99 9.80
CA LEU A 35 -10.55 -7.14 10.44
C LEU A 35 -9.48 -6.79 9.41
N ILE A 36 -8.61 -5.86 9.77
CA ILE A 36 -7.50 -5.43 8.92
C ILE A 36 -6.21 -5.75 9.66
N THR A 37 -5.36 -6.59 9.08
CA THR A 37 -4.26 -7.22 9.79
C THR A 37 -2.91 -6.64 9.38
N SER A 38 -1.95 -6.73 10.30
CA SER A 38 -0.55 -6.40 10.05
C SER A 38 0.31 -7.18 11.04
N SER A 39 1.61 -7.26 10.74
CA SER A 39 2.56 -7.91 11.62
C SER A 39 2.73 -7.19 12.96
N GLU A 40 2.18 -5.99 13.11
CA GLU A 40 2.24 -5.26 14.37
C GLU A 40 0.90 -5.16 15.07
N GLY A 41 -0.12 -5.84 14.57
CA GLY A 41 -1.44 -5.79 15.16
C GLY A 41 -2.50 -5.44 14.13
N HIS A 42 -3.75 -5.54 14.58
CA HIS A 42 -4.89 -5.48 13.68
C HIS A 42 -5.83 -4.35 14.09
N VAL A 43 -6.61 -3.88 13.11
CA VAL A 43 -7.71 -2.94 13.32
C VAL A 43 -9.01 -3.71 13.13
N VAL A 44 -10.00 -3.41 13.97
CA VAL A 44 -11.35 -3.91 13.76
C VAL A 44 -12.26 -2.71 13.59
N LEU A 45 -13.08 -2.73 12.55
CA LEU A 45 -14.02 -1.66 12.23
C LEU A 45 -15.42 -2.20 12.47
N ASP A 46 -16.15 -1.59 13.42
CA ASP A 46 -17.52 -1.93 13.79
C ASP A 46 -17.66 -3.24 14.56
N GLY A 47 -18.72 -3.38 15.35
CA GLY A 47 -18.83 -4.55 16.23
C GLY A 47 -20.22 -5.18 16.30
N GLY A 48 -21.13 -4.77 15.43
CA GLY A 48 -22.44 -5.38 15.37
C GLY A 48 -23.33 -4.82 16.45
N PRO A 49 -24.56 -5.32 16.55
CA PRO A 49 -25.59 -4.61 17.32
C PRO A 49 -25.54 -4.78 18.83
N ASN A 50 -24.81 -5.75 19.40
CA ASN A 50 -24.83 -5.89 20.85
C ASN A 50 -23.57 -6.64 21.32
N ALA A 51 -23.49 -6.85 22.63
CA ALA A 51 -22.33 -7.53 23.22
C ALA A 51 -22.17 -8.93 22.67
N GLU A 52 -23.30 -9.61 22.42
CA GLU A 52 -23.25 -10.98 21.92
C GLU A 52 -22.63 -11.03 20.54
N THR A 53 -22.97 -10.08 19.65
N THR A 53 -22.99 -10.08 19.67
CA THR A 53 -22.33 -10.09 18.35
CA THR A 53 -22.37 -10.02 18.35
C THR A 53 -20.88 -9.61 18.42
C THR A 53 -20.90 -9.62 18.44
N GLY A 54 -20.55 -8.77 19.41
CA GLY A 54 -19.14 -8.45 19.62
C GLY A 54 -18.34 -9.69 19.96
N LYS A 55 -18.93 -10.60 20.75
CA LYS A 55 -18.31 -11.89 21.00
C LYS A 55 -18.22 -12.73 19.73
N LEU A 56 -19.25 -12.66 18.87
N LEU A 56 -19.23 -12.64 18.87
CA LEU A 56 -19.19 -13.36 17.59
CA LEU A 56 -19.19 -13.36 17.60
C LEU A 56 -18.05 -12.84 16.72
C LEU A 56 -18.07 -12.84 16.70
N VAL A 57 -17.85 -11.53 16.70
CA VAL A 57 -16.73 -10.95 15.96
C VAL A 57 -15.42 -11.49 16.50
N GLU A 58 -15.28 -11.56 17.83
CA GLU A 58 -14.07 -12.10 18.42
C GLU A 58 -13.78 -13.49 17.91
N HIS A 59 -14.82 -14.33 17.87
CA HIS A 59 -14.63 -15.72 17.49
C HIS A 59 -14.42 -15.86 15.98
N ASN A 60 -14.95 -14.93 15.19
CA ASN A 60 -14.62 -14.95 13.76
C ASN A 60 -13.16 -14.56 13.55
N ILE A 61 -12.66 -13.58 14.30
CA ILE A 61 -11.25 -13.21 14.22
C ILE A 61 -10.36 -14.41 14.52
N THR A 62 -10.64 -15.12 15.61
CA THR A 62 -9.78 -16.24 15.96
C THR A 62 -10.03 -17.48 15.11
N ALA A 63 -11.23 -17.63 14.53
CA ALA A 63 -11.44 -18.72 13.58
C ALA A 63 -10.62 -18.54 12.30
N LEU A 64 -10.26 -17.32 11.95
CA LEU A 64 -9.43 -17.06 10.79
C LEU A 64 -7.95 -17.30 11.06
N GLY A 65 -7.61 -17.71 12.29
CA GLY A 65 -6.23 -17.98 12.65
C GLY A 65 -5.50 -16.84 13.36
N PHE A 66 -6.18 -15.74 13.68
CA PHE A 66 -5.54 -14.60 14.33
C PHE A 66 -5.80 -14.61 15.83
N GLN A 67 -4.99 -13.85 16.54
CA GLN A 67 -5.04 -13.77 17.99
C GLN A 67 -5.83 -12.53 18.40
N LEU A 68 -6.78 -12.71 19.31
CA LEU A 68 -7.58 -11.57 19.79
C LEU A 68 -6.69 -10.54 20.48
N ALA A 69 -5.64 -11.00 21.17
CA ALA A 69 -4.76 -10.09 21.88
C ALA A 69 -4.01 -9.15 20.94
N ASP A 70 -3.93 -9.49 19.65
CA ASP A 70 -3.26 -8.66 18.66
C ASP A 70 -4.14 -7.56 18.08
N VAL A 71 -5.45 -7.58 18.35
CA VAL A 71 -6.29 -6.45 17.96
C VAL A 71 -5.88 -5.25 18.79
N LYS A 72 -5.53 -4.16 18.13
CA LYS A 72 -4.98 -3.00 18.81
C LYS A 72 -5.82 -1.74 18.69
N ILE A 73 -6.62 -1.60 17.62
CA ILE A 73 -7.41 -0.40 17.39
C ILE A 73 -8.83 -0.80 17.00
N LEU A 74 -9.81 -0.13 17.60
CA LEU A 74 -11.20 -0.27 17.20
C LEU A 74 -11.65 1.04 16.58
N ILE A 75 -12.31 0.95 15.43
CA ILE A 75 -12.89 2.12 14.77
C ILE A 75 -14.36 1.83 14.43
N ASN A 76 -15.05 2.83 13.88
CA ASN A 76 -16.49 2.81 13.80
C ASN A 76 -16.94 3.61 12.59
N THR A 77 -18.05 3.19 11.97
CA THR A 77 -18.71 4.03 10.96
C THR A 77 -19.60 5.07 11.64
N HIS A 78 -20.70 4.64 12.27
CA HIS A 78 -21.44 5.57 13.11
C HIS A 78 -21.89 4.86 14.37
N ALA A 79 -22.05 5.67 15.44
CA ALA A 79 -22.02 5.20 16.81
C ALA A 79 -23.38 4.73 17.31
N HIS A 80 -24.30 4.39 16.41
CA HIS A 80 -25.57 3.84 16.88
C HIS A 80 -25.42 2.35 17.15
N TYR A 81 -26.42 1.76 17.82
CA TYR A 81 -26.22 0.43 18.38
C TYR A 81 -25.96 -0.60 17.28
N ASP A 82 -26.58 -0.46 16.10
CA ASP A 82 -26.49 -1.58 15.17
C ASP A 82 -25.07 -1.78 14.64
N HIS A 83 -24.23 -0.76 14.69
CA HIS A 83 -22.82 -0.90 14.31
C HIS A 83 -21.84 -0.78 15.46
N ALA A 84 -22.23 -0.09 16.53
CA ALA A 84 -21.36 0.17 17.65
C ALA A 84 -21.64 -0.71 18.85
N GLY A 85 -22.78 -1.40 18.85
CA GLY A 85 -23.24 -2.12 20.05
C GLY A 85 -22.27 -3.17 20.56
N GLY A 86 -21.47 -3.76 19.66
CA GLY A 86 -20.50 -4.77 20.05
C GLY A 86 -19.13 -4.24 20.41
N LEU A 87 -18.91 -2.94 20.24
CA LEU A 87 -17.56 -2.40 20.42
C LEU A 87 -17.12 -2.42 21.88
N ALA A 88 -18.05 -2.16 22.81
CA ALA A 88 -17.69 -2.18 24.22
C ALA A 88 -17.18 -3.56 24.66
N GLN A 89 -17.81 -4.61 24.15
CA GLN A 89 -17.35 -5.97 24.45
C GLN A 89 -15.97 -6.24 23.86
N LEU A 90 -15.78 -5.89 22.59
CA LEU A 90 -14.48 -6.05 21.96
C LEU A 90 -13.40 -5.26 22.68
N LYS A 91 -13.73 -4.03 23.11
CA LYS A 91 -12.80 -3.21 23.88
C LYS A 91 -12.37 -3.93 25.15
N ALA A 92 -13.34 -4.45 25.91
CA ALA A 92 -13.02 -5.11 27.17
C ALA A 92 -12.18 -6.37 26.96
N ASP A 93 -12.43 -7.11 25.88
CA ASP A 93 -11.76 -8.39 25.68
C ASP A 93 -10.43 -8.29 24.95
N THR A 94 -10.12 -7.15 24.34
CA THR A 94 -8.87 -6.98 23.59
C THR A 94 -7.92 -5.98 24.22
N GLY A 95 -8.42 -5.07 25.05
CA GLY A 95 -7.60 -3.97 25.52
C GLY A 95 -7.24 -2.98 24.43
N ALA A 96 -7.90 -3.12 23.27
CA ALA A 96 -7.65 -2.23 22.14
C ALA A 96 -8.12 -0.81 22.44
N LYS A 97 -7.56 0.14 21.69
CA LYS A 97 -7.91 1.54 21.84
C LYS A 97 -9.03 1.89 20.86
N LEU A 98 -10.09 2.52 21.38
CA LEU A 98 -11.26 2.84 20.59
C LEU A 98 -11.15 4.27 20.05
N TRP A 99 -11.15 4.41 18.72
CA TRP A 99 -11.12 5.71 18.07
C TRP A 99 -12.55 6.12 17.67
N ILE A 100 -12.95 7.33 18.05
CA ILE A 100 -14.27 7.87 17.71
C ILE A 100 -14.09 9.33 17.34
N SER A 101 -14.68 9.75 16.22
CA SER A 101 -14.55 11.14 15.81
C SER A 101 -15.27 12.05 16.79
N ARG A 102 -14.67 13.22 17.05
CA ARG A 102 -15.27 14.16 18.00
C ARG A 102 -16.49 14.86 17.39
N LYS A 128 -17.40 4.62 25.47
CA LYS A 128 -16.36 5.50 25.99
C LYS A 128 -15.08 5.40 25.16
N SER A 129 -14.65 6.51 24.59
CA SER A 129 -13.60 6.48 23.58
C SER A 129 -12.24 6.84 24.18
N ASP A 130 -11.18 6.38 23.50
CA ASP A 130 -9.80 6.63 23.89
C ASP A 130 -9.15 7.76 23.12
N ARG A 131 -9.57 7.98 21.87
CA ARG A 131 -8.98 9.03 21.04
C ARG A 131 -10.05 9.59 20.12
N SER A 132 -10.11 10.92 20.02
CA SER A 132 -10.92 11.61 19.04
C SER A 132 -10.06 11.94 17.82
N PHE A 133 -10.73 12.26 16.71
CA PHE A 133 -9.98 12.62 15.52
C PHE A 133 -10.83 13.49 14.62
N GLY A 134 -10.15 14.19 13.69
CA GLY A 134 -10.79 15.02 12.72
C GLY A 134 -10.73 14.45 11.32
N ASP A 135 -11.21 15.24 10.37
CA ASP A 135 -11.25 14.81 8.97
C ASP A 135 -9.84 14.69 8.42
N GLN A 136 -9.65 13.70 7.53
CA GLN A 136 -8.35 13.34 6.94
C GLN A 136 -7.34 12.78 7.94
N THR A 137 -7.79 12.29 9.09
CA THR A 137 -6.85 11.73 10.06
C THR A 137 -6.26 10.41 9.54
N LYS A 138 -4.95 10.26 9.66
CA LYS A 138 -4.28 9.05 9.20
C LYS A 138 -4.05 8.12 10.38
N LEU A 139 -4.55 6.89 10.25
CA LEU A 139 -4.32 5.82 11.20
C LEU A 139 -3.28 4.89 10.61
N LYS A 140 -2.18 4.68 11.33
CA LYS A 140 -1.12 3.78 10.87
C LYS A 140 -0.83 2.73 11.94
N LEU A 141 -0.65 1.49 11.48
CA LEU A 141 -0.30 0.38 12.36
C LEU A 141 0.43 -0.64 11.50
N GLY A 142 1.75 -0.75 11.66
CA GLY A 142 2.50 -1.56 10.72
C GLY A 142 2.14 -1.20 9.30
N GLU A 143 1.87 -2.23 8.49
CA GLU A 143 1.53 -2.01 7.09
C GLU A 143 0.20 -1.28 6.89
N ILE A 144 -0.62 -1.13 7.94
CA ILE A 144 -1.94 -0.55 7.81
C ILE A 144 -1.84 0.97 7.77
N ALA A 145 -2.39 1.58 6.72
CA ALA A 145 -2.59 3.01 6.67
C ALA A 145 -4.05 3.27 6.32
N MET A 146 -4.75 4.00 7.17
CA MET A 146 -6.15 4.29 6.94
C MET A 146 -6.40 5.77 7.12
N VAL A 147 -7.43 6.26 6.44
CA VAL A 147 -7.77 7.67 6.45
C VAL A 147 -9.24 7.80 6.80
N ALA A 148 -9.54 8.62 7.80
CA ALA A 148 -10.92 8.92 8.17
C ALA A 148 -11.42 10.08 7.33
N HIS A 149 -12.61 9.92 6.75
CA HIS A 149 -13.30 11.01 6.06
C HIS A 149 -14.62 11.23 6.80
N LEU A 150 -14.74 12.34 7.51
CA LEU A 150 -15.98 12.59 8.24
C LEU A 150 -17.09 12.83 7.22
N THR A 151 -18.21 12.12 7.40
CA THR A 151 -19.36 12.20 6.49
C THR A 151 -20.64 12.43 7.30
N PRO A 152 -20.71 13.56 8.02
CA PRO A 152 -21.84 13.77 8.92
C PRO A 152 -23.15 13.90 8.14
N GLY A 153 -24.22 13.56 8.82
CA GLY A 153 -25.54 13.71 8.24
C GLY A 153 -26.50 12.95 9.11
N HIS A 154 -26.50 11.62 8.93
CA HIS A 154 -27.29 10.77 9.81
C HIS A 154 -26.95 11.00 11.28
N THR A 155 -25.65 11.09 11.60
CA THR A 155 -25.19 11.58 12.89
C THR A 155 -24.07 12.58 12.63
N ILE A 156 -23.74 13.37 13.65
CA ILE A 156 -22.66 14.33 13.49
C ILE A 156 -21.29 13.64 13.48
N GLY A 157 -21.18 12.43 13.98
CA GLY A 157 -19.92 11.70 14.02
C GLY A 157 -19.67 10.70 12.92
N CYS A 158 -20.58 10.56 11.95
CA CYS A 158 -20.43 9.60 10.86
C CYS A 158 -19.06 9.68 10.23
N THR A 159 -18.42 8.52 10.09
CA THR A 159 -17.06 8.41 9.57
C THR A 159 -17.06 7.36 8.48
N SER A 160 -16.49 7.70 7.34
CA SER A 160 -16.18 6.73 6.29
C SER A 160 -14.66 6.55 6.24
N TRP A 161 -14.21 5.33 6.06
CA TRP A 161 -12.79 5.03 6.09
C TRP A 161 -12.29 4.61 4.72
N THR A 162 -11.03 4.97 4.39
CA THR A 162 -10.40 4.52 3.16
C THR A 162 -9.05 3.87 3.45
N THR A 163 -8.64 2.99 2.55
CA THR A 163 -7.33 2.34 2.61
C THR A 163 -7.01 1.80 1.21
N ALA A 164 -5.89 1.08 1.11
CA ALA A 164 -5.48 0.46 -0.13
C ALA A 164 -4.81 -0.87 0.19
N VAL A 165 -4.94 -1.82 -0.74
CA VAL A 165 -4.36 -3.14 -0.60
C VAL A 165 -3.73 -3.53 -1.93
N VAL A 166 -3.02 -4.66 -1.92
CA VAL A 166 -2.52 -5.28 -3.13
C VAL A 166 -2.99 -6.73 -3.13
N GLU A 167 -3.61 -7.14 -4.24
CA GLU A 167 -4.23 -8.45 -4.34
C GLU A 167 -3.73 -9.12 -5.61
N LYS A 168 -2.96 -10.20 -5.43
CA LYS A 168 -2.33 -10.92 -6.54
C LYS A 168 -1.53 -9.94 -7.41
N GLY A 169 -0.80 -9.04 -6.76
CA GLY A 169 0.04 -8.08 -7.46
C GLY A 169 -0.69 -6.92 -8.11
N ARG A 170 -1.96 -6.70 -7.78
CA ARG A 170 -2.77 -5.65 -8.37
C ARG A 170 -3.19 -4.66 -7.30
N PRO A 171 -2.82 -3.38 -7.41
CA PRO A 171 -3.21 -2.41 -6.39
C PRO A 171 -4.67 -2.01 -6.49
N LEU A 172 -5.31 -1.87 -5.32
CA LEU A 172 -6.73 -1.57 -5.21
C LEU A 172 -7.00 -0.60 -4.06
N THR A 173 -7.85 0.39 -4.32
CA THR A 173 -8.31 1.32 -3.29
C THR A 173 -9.58 0.76 -2.65
N VAL A 174 -9.76 1.04 -1.36
CA VAL A 174 -10.84 0.45 -0.57
C VAL A 174 -11.53 1.56 0.22
N THR A 175 -12.85 1.56 0.22
N THR A 175 -12.85 1.58 0.19
CA THR A 175 -13.59 2.54 1.00
CA THR A 175 -13.60 2.51 1.02
C THR A 175 -14.64 1.81 1.85
C THR A 175 -14.56 1.71 1.90
N PHE A 176 -14.71 2.17 3.13
CA PHE A 176 -15.74 1.66 4.05
C PHE A 176 -16.68 2.82 4.30
N PRO A 177 -17.70 2.99 3.47
CA PRO A 177 -18.60 4.13 3.67
C PRO A 177 -19.44 3.92 4.91
N CYS A 178 -19.85 5.03 5.55
N CYS A 178 -19.87 5.04 5.51
CA CYS A 178 -20.91 4.88 6.54
CA CYS A 178 -20.93 5.01 6.49
C CYS A 178 -22.21 4.53 5.81
C CYS A 178 -22.21 4.53 5.81
N SER A 179 -23.31 4.42 6.56
CA SER A 179 -24.52 3.85 5.98
C SER A 179 -25.35 4.84 5.17
N LEU A 180 -25.06 6.14 5.25
CA LEU A 180 -25.83 7.17 4.55
C LEU A 180 -27.33 7.04 4.84
N SER A 181 -27.65 6.67 6.07
CA SER A 181 -29.04 6.44 6.48
C SER A 181 -29.79 7.75 6.72
N VAL A 182 -31.12 7.69 6.58
CA VAL A 182 -32.00 8.76 7.04
C VAL A 182 -33.00 8.27 8.07
N ALA A 183 -32.79 7.07 8.61
CA ALA A 183 -33.73 6.47 9.57
C ALA A 183 -33.85 7.34 10.81
N GLY A 184 -35.08 7.79 11.09
CA GLY A 184 -35.37 8.58 12.26
C GLY A 184 -34.81 9.99 12.23
N ASN A 185 -34.33 10.46 11.08
CA ASN A 185 -33.78 11.81 11.01
C ASN A 185 -34.88 12.83 10.73
N VAL A 186 -34.79 13.96 11.41
CA VAL A 186 -35.62 15.11 11.14
C VAL A 186 -34.85 16.02 10.20
N LEU A 187 -35.41 16.31 9.03
CA LEU A 187 -34.69 17.06 8.00
C LEU A 187 -35.22 18.46 7.82
N VAL A 188 -36.41 18.76 8.35
CA VAL A 188 -36.98 20.10 8.30
C VAL A 188 -37.17 20.53 9.74
N GLY A 189 -36.58 21.66 10.11
CA GLY A 189 -36.73 22.16 11.47
C GLY A 189 -36.03 21.33 12.52
N ASN A 190 -34.90 20.72 12.17
CA ASN A 190 -34.10 19.98 13.13
C ASN A 190 -33.46 20.97 14.09
N LYS A 191 -33.88 20.96 15.35
CA LYS A 191 -33.38 21.95 16.30
C LYS A 191 -32.00 21.58 16.85
N THR A 192 -31.71 20.28 16.93
CA THR A 192 -30.38 19.83 17.34
C THR A 192 -29.33 20.10 16.27
N HIS A 193 -29.39 19.30 15.19
CA HIS A 193 -28.44 19.36 14.08
C HIS A 193 -29.01 20.31 13.02
N ARG A 194 -28.86 21.62 13.26
CA ARG A 194 -29.50 22.60 12.40
C ARG A 194 -29.00 22.57 10.96
N THR A 195 -27.74 22.20 10.75
CA THR A 195 -27.14 22.16 9.42
C THR A 195 -27.25 20.79 8.76
N ILE A 196 -28.26 19.99 9.13
CA ILE A 196 -28.28 18.58 8.77
C ILE A 196 -28.36 18.40 7.25
N VAL A 197 -29.19 19.18 6.57
CA VAL A 197 -29.35 18.99 5.13
C VAL A 197 -28.05 19.33 4.41
N ALA A 198 -27.44 20.46 4.79
CA ALA A 198 -26.18 20.84 4.16
C ALA A 198 -25.09 19.82 4.44
N ASP A 199 -25.07 19.23 5.64
CA ASP A 199 -24.05 18.22 5.97
C ASP A 199 -24.20 16.99 5.09
N TYR A 200 -25.42 16.45 4.98
CA TYR A 200 -25.68 15.34 4.08
C TYR A 200 -25.17 15.62 2.67
N ARG A 201 -25.52 16.80 2.14
CA ARG A 201 -25.17 17.08 0.76
C ARG A 201 -23.67 17.20 0.58
N ALA A 202 -22.97 17.75 1.58
CA ALA A 202 -21.51 17.80 1.49
C ALA A 202 -20.90 16.42 1.63
N SER A 203 -21.49 15.57 2.47
CA SER A 203 -20.98 14.21 2.65
C SER A 203 -21.16 13.39 1.38
N PHE A 204 -22.31 13.52 0.72
CA PHE A 204 -22.50 12.90 -0.60
C PHE A 204 -21.38 13.30 -1.55
N ALA A 205 -21.12 14.60 -1.67
CA ALA A 205 -20.07 15.08 -2.58
C ALA A 205 -18.71 14.52 -2.21
N LYS A 206 -18.37 14.54 -0.92
CA LYS A 206 -17.07 14.02 -0.47
C LYS A 206 -16.88 12.56 -0.89
N LEU A 207 -17.91 11.73 -0.67
CA LEU A 207 -17.78 10.31 -0.97
C LEU A 207 -17.63 10.06 -2.47
N ARG A 208 -18.40 10.78 -3.29
CA ARG A 208 -18.22 10.69 -4.74
C ARG A 208 -16.78 11.03 -5.16
N ALA A 209 -16.16 11.98 -4.48
CA ALA A 209 -14.83 12.40 -4.89
C ALA A 209 -13.71 11.38 -4.51
N ILE A 210 -14.02 10.19 -4.01
CA ILE A 210 -13.01 9.24 -3.57
C ILE A 210 -12.96 8.12 -4.61
N PRO A 211 -11.89 8.01 -5.40
CA PRO A 211 -11.72 6.82 -6.24
C PRO A 211 -11.73 5.58 -5.37
N THR A 212 -12.51 4.58 -5.79
CA THR A 212 -12.77 3.41 -4.96
C THR A 212 -12.90 2.18 -5.85
N ASP A 213 -11.90 1.28 -5.78
CA ASP A 213 -12.00 0.00 -6.44
C ASP A 213 -12.90 -0.98 -5.69
N VAL A 214 -12.89 -0.93 -4.36
CA VAL A 214 -13.57 -1.92 -3.53
C VAL A 214 -14.40 -1.17 -2.51
N MET A 215 -15.71 -1.26 -2.61
CA MET A 215 -16.58 -0.65 -1.62
C MET A 215 -17.01 -1.72 -0.63
N LEU A 216 -16.87 -1.44 0.66
CA LEU A 216 -17.17 -2.40 1.72
C LEU A 216 -18.11 -1.73 2.71
N PRO A 217 -19.41 -1.85 2.48
CA PRO A 217 -20.39 -1.09 3.26
C PRO A 217 -20.74 -1.75 4.58
N ALA A 218 -21.52 -1.03 5.40
CA ALA A 218 -21.81 -1.47 6.75
C ALA A 218 -23.03 -2.38 6.85
N HIS A 219 -23.88 -2.44 5.82
CA HIS A 219 -24.99 -3.39 5.74
C HIS A 219 -24.81 -4.30 4.53
N GLU A 220 -25.12 -5.59 4.71
CA GLU A 220 -24.94 -6.58 3.65
C GLU A 220 -25.62 -6.15 2.36
N GLU A 221 -26.89 -5.76 2.45
CA GLU A 221 -27.65 -5.48 1.24
C GLU A 221 -27.11 -4.26 0.50
N GLN A 222 -26.35 -3.39 1.16
CA GLN A 222 -25.81 -2.25 0.45
C GLN A 222 -24.66 -2.64 -0.48
N GLY A 223 -24.10 -3.83 -0.33
CA GLY A 223 -23.00 -4.26 -1.18
C GLY A 223 -23.17 -5.65 -1.77
N ASN A 224 -24.32 -6.26 -1.55
N ASN A 224 -24.32 -6.27 -1.53
CA ASN A 224 -24.58 -7.63 -2.02
CA ASN A 224 -24.59 -7.62 -2.01
C ASN A 224 -23.48 -8.58 -1.56
C ASN A 224 -23.49 -8.58 -1.56
N LEU A 225 -23.08 -8.44 -0.30
CA LEU A 225 -21.89 -9.14 0.18
C LEU A 225 -22.06 -10.65 0.18
N LEU A 226 -23.26 -11.13 0.54
CA LEU A 226 -23.48 -12.57 0.57
C LEU A 226 -23.31 -13.18 -0.82
N ALA A 227 -23.90 -12.54 -1.84
CA ALA A 227 -23.77 -13.04 -3.20
C ALA A 227 -22.34 -12.91 -3.71
N LYS A 228 -21.63 -11.85 -3.32
CA LYS A 228 -20.22 -11.72 -3.72
C LYS A 228 -19.38 -12.83 -3.11
N ARG A 229 -19.66 -13.18 -1.84
CA ARG A 229 -18.93 -14.27 -1.20
C ARG A 229 -19.11 -15.58 -1.95
N GLN A 230 -20.31 -15.81 -2.49
CA GLN A 230 -20.54 -17.02 -3.28
C GLN A 230 -19.76 -16.96 -4.60
N LYS A 231 -19.78 -15.81 -5.27
CA LYS A 231 -18.95 -15.63 -6.46
C LYS A 231 -17.50 -15.97 -6.16
N GLN A 232 -17.00 -15.54 -5.00
CA GLN A 232 -15.62 -15.80 -4.63
C GLN A 232 -15.36 -17.29 -4.42
N LEU A 233 -16.29 -17.98 -3.77
CA LEU A 233 -16.12 -19.41 -3.53
C LEU A 233 -16.16 -20.22 -4.81
N ARG A 234 -16.84 -19.73 -5.84
CA ARG A 234 -16.84 -20.40 -7.13
C ARG A 234 -15.61 -20.08 -7.96
N GLY A 235 -14.68 -19.29 -7.43
CA GLY A 235 -13.42 -19.02 -8.09
C GLY A 235 -13.27 -17.64 -8.69
N ASP A 236 -14.22 -16.73 -8.46
CA ASP A 236 -14.08 -15.38 -9.00
C ASP A 236 -13.03 -14.63 -8.21
N PRO A 237 -11.90 -14.24 -8.81
CA PRO A 237 -10.83 -13.58 -8.04
C PRO A 237 -11.07 -12.11 -7.79
N ASN A 238 -12.04 -11.49 -8.45
CA ASN A 238 -12.32 -10.08 -8.29
C ASN A 238 -13.79 -9.84 -7.93
N ALA A 239 -14.34 -10.73 -7.09
CA ALA A 239 -15.77 -10.69 -6.81
C ALA A 239 -16.18 -9.43 -6.06
N PHE A 240 -15.25 -8.83 -5.32
CA PHE A 240 -15.53 -7.63 -4.53
C PHE A 240 -15.07 -6.35 -5.20
N VAL A 241 -14.50 -6.44 -6.41
CA VAL A 241 -13.95 -5.28 -7.11
C VAL A 241 -14.99 -4.75 -8.08
N ASP A 242 -15.40 -3.49 -7.89
CA ASP A 242 -16.31 -2.78 -8.78
C ASP A 242 -16.10 -1.28 -8.62
N PRO A 243 -15.21 -0.67 -9.40
CA PRO A 243 -14.86 0.74 -9.18
C PRO A 243 -15.99 1.73 -9.33
N THR A 244 -17.14 1.32 -9.84
CA THR A 244 -18.29 2.22 -9.97
C THR A 244 -19.23 2.13 -8.80
N GLU A 245 -18.98 1.22 -7.85
CA GLU A 245 -20.03 0.90 -6.87
C GLU A 245 -20.22 2.02 -5.86
N LEU A 246 -19.15 2.71 -5.45
CA LEU A 246 -19.36 3.76 -4.46
C LEU A 246 -20.16 4.92 -5.05
N ALA A 247 -19.91 5.27 -6.31
CA ALA A 247 -20.72 6.29 -6.97
C ALA A 247 -22.18 5.86 -7.03
N ARG A 248 -22.43 4.59 -7.34
CA ARG A 248 -23.80 4.11 -7.45
C ARG A 248 -24.48 4.09 -6.08
N PHE A 249 -23.73 3.76 -5.03
CA PHE A 249 -24.29 3.74 -3.68
C PHE A 249 -24.63 5.15 -3.20
N VAL A 250 -23.75 6.10 -3.46
CA VAL A 250 -24.03 7.49 -3.09
C VAL A 250 -25.27 7.99 -3.83
N ASP A 251 -25.33 7.73 -5.14
CA ASP A 251 -26.48 8.18 -5.93
C ASP A 251 -27.78 7.61 -5.40
N ALA A 252 -27.77 6.34 -5.02
CA ALA A 252 -28.98 5.70 -4.50
C ALA A 252 -29.34 6.25 -3.12
N SER A 253 -28.35 6.45 -2.26
CA SER A 253 -28.61 7.00 -0.93
C SER A 253 -29.15 8.42 -1.04
N GLU A 254 -28.63 9.20 -1.98
CA GLU A 254 -29.07 10.58 -2.16
C GLU A 254 -30.49 10.65 -2.72
N ALA A 255 -30.85 9.72 -3.61
CA ALA A 255 -32.22 9.69 -4.10
C ALA A 255 -33.20 9.41 -2.96
N ALA A 256 -32.84 8.49 -2.06
CA ALA A 256 -33.70 8.19 -0.92
C ALA A 256 -33.74 9.38 0.06
N PHE A 257 -32.59 10.03 0.25
CA PHE A 257 -32.53 11.27 1.03
C PHE A 257 -33.46 12.32 0.44
N ASN A 258 -33.37 12.54 -0.88
CA ASN A 258 -34.22 13.53 -1.53
C ASN A 258 -35.69 13.22 -1.33
N LYS A 259 -36.08 11.95 -1.45
CA LYS A 259 -37.48 11.57 -1.29
C LYS A 259 -37.96 11.83 0.13
N GLU A 260 -37.15 11.47 1.12
CA GLU A 260 -37.54 11.72 2.51
C GLU A 260 -37.59 13.22 2.80
N LEU A 261 -36.63 13.98 2.28
CA LEU A 261 -36.65 15.44 2.43
C LEU A 261 -37.91 16.02 1.81
N ALA A 262 -38.28 15.57 0.61
CA ALA A 262 -39.47 16.12 -0.03
C ALA A 262 -40.71 15.78 0.77
N ARG A 263 -40.75 14.57 1.34
CA ARG A 263 -41.88 14.18 2.18
C ARG A 263 -42.01 15.07 3.39
N GLN A 264 -40.90 15.27 4.10
CA GLN A 264 -40.93 16.10 5.30
C GLN A 264 -41.24 17.56 4.97
N GLN A 265 -40.84 18.03 3.80
CA GLN A 265 -41.14 19.40 3.42
C GLN A 265 -42.63 19.58 3.13
N ALA A 266 -43.28 18.57 2.55
CA ALA A 266 -44.71 18.69 2.28
C ALA A 266 -45.53 18.61 3.57
N ALA A 267 -45.06 17.84 4.55
CA ALA A 267 -45.82 17.60 5.77
C ALA A 267 -45.73 18.78 6.75
N SER B 1 42.93 -5.79 -19.03
CA SER B 1 41.60 -6.16 -18.55
C SER B 1 40.86 -4.88 -18.22
N ASN B 2 39.63 -5.01 -17.71
N ASN B 2 39.62 -5.00 -17.72
CA ASN B 2 38.80 -3.83 -17.55
CA ASN B 2 38.77 -3.83 -17.57
C ASN B 2 39.50 -2.77 -16.71
C ASN B 2 39.44 -2.77 -16.69
N ALA B 3 39.48 -1.53 -17.18
CA ALA B 3 40.19 -0.44 -16.51
C ALA B 3 39.41 0.20 -15.37
N ASP B 4 38.10 -0.02 -15.31
CA ASP B 4 37.26 0.52 -14.23
C ASP B 4 37.39 2.05 -14.11
N ASP B 5 37.54 2.73 -15.25
CA ASP B 5 37.26 4.15 -15.29
C ASP B 5 35.78 4.35 -14.96
N MET B 6 35.48 5.43 -14.22
CA MET B 6 34.09 5.76 -13.88
C MET B 6 33.60 6.90 -14.76
N PRO B 7 32.44 6.79 -15.42
CA PRO B 7 31.88 7.96 -16.10
C PRO B 7 31.68 9.09 -15.10
N ALA B 8 31.86 10.33 -15.59
CA ALA B 8 31.92 11.47 -14.68
C ALA B 8 30.63 11.61 -13.87
N ASN B 9 29.47 11.35 -14.48
CA ASN B 9 28.22 11.61 -13.76
C ASN B 9 27.92 10.60 -12.66
N TRP B 10 28.68 9.49 -12.56
CA TRP B 10 28.45 8.55 -11.46
C TRP B 10 28.74 9.18 -10.11
N THR B 11 29.59 10.20 -10.05
CA THR B 11 29.89 10.84 -8.77
C THR B 11 29.49 12.31 -8.74
N LYS B 12 28.79 12.80 -9.76
CA LYS B 12 28.37 14.21 -9.76
C LYS B 12 27.11 14.36 -8.91
N PRO B 13 27.09 15.29 -7.95
CA PRO B 13 25.89 15.47 -7.12
C PRO B 13 24.71 15.95 -7.93
N THR B 14 23.52 15.53 -7.51
CA THR B 14 22.28 16.07 -8.06
C THR B 14 21.32 16.28 -6.91
N LYS B 15 20.37 17.19 -7.10
CA LYS B 15 19.44 17.52 -6.03
C LYS B 15 18.49 16.34 -5.77
N PRO B 16 18.29 15.95 -4.51
CA PRO B 16 17.34 14.87 -4.21
C PRO B 16 15.88 15.34 -4.31
N TYR B 17 14.97 14.38 -4.48
CA TYR B 17 13.56 14.77 -4.63
C TYR B 17 12.63 13.59 -4.36
N ARG B 18 11.36 13.92 -4.05
CA ARG B 18 10.35 12.88 -3.93
C ARG B 18 9.92 12.39 -5.30
N VAL B 19 9.87 11.06 -5.48
CA VAL B 19 9.50 10.46 -6.76
C VAL B 19 7.99 10.24 -6.80
N VAL B 20 7.52 9.15 -6.18
CA VAL B 20 6.09 8.90 -5.95
C VAL B 20 5.96 8.32 -4.54
N GLY B 21 4.78 8.51 -3.96
CA GLY B 21 4.51 7.97 -2.63
C GLY B 21 5.59 8.36 -1.64
N ASN B 22 6.10 7.37 -0.91
CA ASN B 22 7.13 7.59 0.09
C ASN B 22 8.53 7.23 -0.44
N ILE B 23 8.74 7.33 -1.74
CA ILE B 23 10.02 6.98 -2.38
C ILE B 23 10.69 8.26 -2.86
N TYR B 24 11.96 8.44 -2.48
CA TYR B 24 12.71 9.64 -2.80
C TYR B 24 14.00 9.22 -3.49
N TYR B 25 14.43 10.05 -4.45
CA TYR B 25 15.71 9.86 -5.11
C TYR B 25 16.80 10.62 -4.35
N VAL B 26 17.87 9.91 -3.99
CA VAL B 26 18.94 10.50 -3.18
C VAL B 26 20.31 10.08 -3.71
N GLY B 27 20.37 9.65 -4.96
CA GLY B 27 21.62 9.22 -5.57
C GLY B 27 22.35 10.35 -6.26
N THR B 28 23.28 9.98 -7.14
CA THR B 28 24.04 10.96 -7.89
C THR B 28 23.34 11.23 -9.22
N GLU B 29 23.96 12.10 -10.02
CA GLU B 29 23.42 12.35 -11.35
C GLU B 29 23.33 11.06 -12.17
N GLY B 30 24.30 10.14 -12.01
CA GLY B 30 24.29 8.93 -12.79
C GLY B 30 23.94 7.62 -12.10
N ILE B 31 24.16 7.49 -10.79
CA ILE B 31 23.94 6.23 -10.07
C ILE B 31 22.79 6.43 -9.08
N SER B 32 21.79 5.56 -9.15
CA SER B 32 20.60 5.73 -8.31
C SER B 32 20.87 5.33 -6.86
N SER B 33 20.16 5.97 -5.95
CA SER B 33 20.02 5.50 -4.59
C SER B 33 18.65 5.96 -4.17
N TRP B 34 17.94 5.15 -3.40
CA TRP B 34 16.53 5.40 -3.12
C TRP B 34 16.29 5.38 -1.63
N LEU B 35 15.50 6.35 -1.15
CA LEU B 35 15.09 6.41 0.24
C LEU B 35 13.60 6.13 0.28
N ILE B 36 13.21 5.09 1.03
CA ILE B 36 11.81 4.71 1.21
C ILE B 36 11.50 4.88 2.69
N THR B 37 10.50 5.71 3.01
CA THR B 37 10.32 6.24 4.35
C THR B 37 9.08 5.66 5.02
N SER B 38 9.14 5.58 6.35
CA SER B 38 8.00 5.18 7.17
C SER B 38 8.14 5.86 8.52
N SER B 39 7.00 5.94 9.25
CA SER B 39 7.01 6.47 10.61
C SER B 39 7.78 5.60 11.58
N GLU B 40 8.25 4.43 11.17
CA GLU B 40 9.05 3.56 12.03
C GLU B 40 10.47 3.37 11.51
N GLY B 41 10.89 4.16 10.54
CA GLY B 41 12.22 4.05 9.97
C GLY B 41 12.17 3.91 8.46
N HIS B 42 13.35 4.03 7.85
CA HIS B 42 13.47 4.12 6.41
C HIS B 42 14.37 3.01 5.88
N VAL B 43 14.17 2.69 4.60
CA VAL B 43 15.03 1.79 3.84
C VAL B 43 15.82 2.63 2.85
N VAL B 44 17.08 2.28 2.65
CA VAL B 44 17.89 2.87 1.58
C VAL B 44 18.35 1.75 0.67
N LEU B 45 18.11 1.92 -0.63
CA LEU B 45 18.48 0.94 -1.65
C LEU B 45 19.66 1.51 -2.43
N ASP B 46 20.80 0.82 -2.37
CA ASP B 46 22.05 1.17 -3.07
C ASP B 46 22.77 2.39 -2.51
N GLY B 47 24.08 2.52 -2.76
CA GLY B 47 24.86 3.57 -2.12
C GLY B 47 25.90 4.25 -3.00
N GLY B 48 25.87 3.98 -4.29
CA GLY B 48 26.75 4.68 -5.21
C GLY B 48 28.13 4.07 -5.18
N PRO B 49 29.06 4.65 -5.95
CA PRO B 49 30.31 3.93 -6.25
C PRO B 49 31.37 3.89 -5.14
N ASN B 50 31.32 4.73 -4.11
CA ASN B 50 32.41 4.70 -3.14
C ASN B 50 31.93 5.33 -1.82
N ALA B 51 32.86 5.39 -0.86
CA ALA B 51 32.55 5.94 0.45
C ALA B 51 32.08 7.39 0.34
N GLU B 52 32.69 8.14 -0.58
CA GLU B 52 32.35 9.55 -0.72
C GLU B 52 30.91 9.73 -1.21
N THR B 53 30.47 8.92 -2.17
N THR B 53 30.49 8.91 -2.17
CA THR B 53 29.07 9.03 -2.60
CA THR B 53 29.10 8.95 -2.63
C THR B 53 28.12 8.46 -1.55
C THR B 53 28.15 8.48 -1.55
N GLY B 54 28.58 7.54 -0.70
CA GLY B 54 27.75 7.13 0.42
C GLY B 54 27.47 8.27 1.36
N LYS B 55 28.48 9.13 1.58
CA LYS B 55 28.27 10.37 2.35
C LYS B 55 27.33 11.31 1.62
N LEU B 56 27.45 11.40 0.28
N LEU B 56 27.43 11.39 0.29
CA LEU B 56 26.52 12.22 -0.50
CA LEU B 56 26.52 12.22 -0.49
C LEU B 56 25.09 11.76 -0.32
C LEU B 56 25.08 11.75 -0.34
N VAL B 57 24.86 10.44 -0.31
CA VAL B 57 23.52 9.90 -0.09
C VAL B 57 23.01 10.33 1.29
N GLU B 58 23.87 10.24 2.30
CA GLU B 58 23.48 10.65 3.64
C GLU B 58 22.99 12.08 3.64
N HIS B 59 23.71 12.96 2.96
CA HIS B 59 23.37 14.37 2.99
C HIS B 59 22.15 14.68 2.13
N ASN B 60 21.89 13.86 1.11
CA ASN B 60 20.63 14.00 0.39
C ASN B 60 19.46 13.58 1.26
N ILE B 61 19.63 12.51 2.04
CA ILE B 61 18.57 12.08 2.97
C ILE B 61 18.24 13.20 3.94
N THR B 62 19.27 13.80 4.54
N THR B 62 19.26 13.79 4.57
CA THR B 62 19.04 14.83 5.55
CA THR B 62 18.99 14.83 5.56
C THR B 62 18.59 16.14 4.93
C THR B 62 18.56 16.15 4.93
N ALA B 63 18.98 16.40 3.68
CA ALA B 63 18.51 17.61 2.99
C ALA B 63 17.00 17.54 2.69
N LEU B 64 16.45 16.34 2.52
CA LEU B 64 15.02 16.19 2.34
C LEU B 64 14.25 16.32 3.64
N GLY B 65 14.93 16.55 4.76
CA GLY B 65 14.27 16.73 6.03
C GLY B 65 14.20 15.50 6.91
N PHE B 66 14.80 14.38 6.50
CA PHE B 66 14.78 13.15 7.28
C PHE B 66 16.05 13.03 8.12
N GLN B 67 15.98 12.16 9.12
CA GLN B 67 17.09 11.95 10.06
C GLN B 67 17.86 10.71 9.64
N LEU B 68 19.18 10.82 9.64
CA LEU B 68 20.03 9.69 9.25
C LEU B 68 19.89 8.54 10.25
N ALA B 69 19.71 8.86 11.53
CA ALA B 69 19.55 7.82 12.53
C ALA B 69 18.29 6.99 12.34
N ASP B 70 17.32 7.49 11.55
CA ASP B 70 16.10 6.74 11.27
C ASP B 70 16.25 5.75 10.12
N VAL B 71 17.35 5.78 9.37
CA VAL B 71 17.58 4.74 8.38
C VAL B 71 17.82 3.43 9.10
N LYS B 72 17.03 2.42 8.77
CA LYS B 72 17.04 1.16 9.51
C LYS B 72 17.55 -0.02 8.69
N ILE B 73 17.32 -0.03 7.37
CA ILE B 73 17.65 -1.17 6.51
C ILE B 73 18.36 -0.66 5.27
N LEU B 74 19.44 -1.35 4.89
CA LEU B 74 20.10 -1.11 3.62
C LEU B 74 19.93 -2.33 2.73
N ILE B 75 19.53 -2.11 1.48
CA ILE B 75 19.39 -3.18 0.50
C ILE B 75 20.18 -2.80 -0.75
N ASN B 76 20.22 -3.69 -1.73
CA ASN B 76 21.16 -3.59 -2.82
C ASN B 76 20.54 -4.23 -4.06
N THR B 77 20.88 -3.70 -5.25
CA THR B 77 20.55 -4.40 -6.49
C THR B 77 21.62 -5.45 -6.79
N HIS B 78 22.85 -5.02 -7.12
CA HIS B 78 23.93 -6.00 -7.19
C HIS B 78 25.18 -5.41 -6.55
N ALA B 79 26.02 -6.31 -6.06
CA ALA B 79 27.03 -5.99 -5.06
C ALA B 79 28.35 -5.55 -5.67
N HIS B 80 28.36 -5.07 -6.92
CA HIS B 80 29.59 -4.51 -7.46
C HIS B 80 29.74 -3.06 -7.00
N TYR B 81 30.94 -2.49 -7.17
CA TYR B 81 31.24 -1.24 -6.48
C TYR B 81 30.33 -0.10 -6.94
N ASP B 82 29.91 -0.07 -8.21
CA ASP B 82 29.21 1.12 -8.66
C ASP B 82 27.85 1.30 -7.98
N HIS B 83 27.26 0.23 -7.46
CA HIS B 83 26.02 0.33 -6.69
C HIS B 83 26.18 0.06 -5.21
N ALA B 84 27.21 -0.70 -4.83
CA ALA B 84 27.41 -1.11 -3.45
C ALA B 84 28.53 -0.37 -2.76
N GLY B 85 29.34 0.40 -3.50
CA GLY B 85 30.54 0.98 -2.93
C GLY B 85 30.30 1.92 -1.77
N GLY B 86 29.15 2.60 -1.76
CA GLY B 86 28.81 3.49 -0.67
C GLY B 86 28.09 2.86 0.49
N LEU B 87 27.76 1.56 0.40
CA LEU B 87 26.93 0.94 1.42
C LEU B 87 27.68 0.79 2.75
N ALA B 88 28.98 0.47 2.70
CA ALA B 88 29.74 0.31 3.94
C ALA B 88 29.76 1.62 4.74
N GLN B 89 29.89 2.74 4.06
CA GLN B 89 29.88 4.03 4.73
C GLN B 89 28.50 4.32 5.34
N LEU B 90 27.43 4.08 4.58
CA LEU B 90 26.08 4.30 5.09
C LEU B 90 25.80 3.41 6.30
N LYS B 91 26.27 2.16 6.25
CA LYS B 91 26.07 1.27 7.39
C LYS B 91 26.79 1.77 8.63
N ALA B 92 28.04 2.23 8.46
CA ALA B 92 28.81 2.72 9.59
C ALA B 92 28.18 3.99 10.19
N ASP B 93 27.51 4.80 9.39
CA ASP B 93 26.98 6.08 9.88
C ASP B 93 25.53 5.99 10.33
N THR B 94 24.81 4.92 10.00
CA THR B 94 23.41 4.77 10.40
C THR B 94 23.20 3.67 11.44
N GLY B 95 24.13 2.71 11.53
CA GLY B 95 23.85 1.50 12.28
C GLY B 95 22.78 0.62 11.66
N ALA B 96 22.37 0.89 10.43
CA ALA B 96 21.33 0.13 9.77
C ALA B 96 21.79 -1.30 9.49
N LYS B 97 20.82 -2.18 9.25
CA LYS B 97 21.08 -3.57 8.93
C LYS B 97 21.15 -3.74 7.42
N LEU B 98 22.20 -4.40 6.95
CA LEU B 98 22.46 -4.57 5.53
C LEU B 98 21.96 -5.95 5.08
N TRP B 99 20.98 -5.96 4.20
CA TRP B 99 20.44 -7.19 3.64
C TRP B 99 21.09 -7.49 2.30
N ILE B 100 21.62 -8.70 2.14
CA ILE B 100 22.24 -9.14 0.89
C ILE B 100 21.77 -10.55 0.61
N SER B 101 21.38 -10.83 -0.64
CA SER B 101 20.88 -12.15 -0.98
C SER B 101 22.00 -13.19 -0.90
N ARG B 102 21.62 -14.40 -0.51
CA ARG B 102 22.57 -15.52 -0.46
C ARG B 102 23.09 -15.87 -1.85
N LYS B 128 30.01 -6.30 4.23
CA LYS B 128 29.72 -7.36 5.19
C LYS B 128 28.26 -7.31 5.61
N SER B 129 27.51 -8.38 5.33
CA SER B 129 26.06 -8.37 5.45
C SER B 129 25.59 -8.82 6.82
N ASP B 130 24.41 -8.34 7.20
CA ASP B 130 23.76 -8.66 8.48
C ASP B 130 22.68 -9.72 8.34
N ARG B 131 21.92 -9.69 7.24
CA ARG B 131 20.89 -10.69 6.97
C ARG B 131 21.01 -11.15 5.52
N SER B 132 20.80 -12.44 5.30
CA SER B 132 20.70 -13.02 3.98
C SER B 132 19.24 -13.39 3.70
N PHE B 133 18.90 -13.52 2.42
CA PHE B 133 17.51 -13.79 2.07
C PHE B 133 17.44 -14.51 0.74
N GLY B 134 16.32 -15.22 0.54
CA GLY B 134 16.02 -15.90 -0.69
C GLY B 134 14.96 -15.18 -1.51
N ASP B 135 14.59 -15.83 -2.62
CA ASP B 135 13.61 -15.27 -3.54
C ASP B 135 12.25 -15.13 -2.87
N GLN B 136 11.48 -14.13 -3.31
CA GLN B 136 10.17 -13.76 -2.75
C GLN B 136 10.23 -13.36 -1.28
N THR B 137 11.40 -12.98 -0.76
CA THR B 137 11.49 -12.57 0.63
C THR B 137 10.78 -11.24 0.84
N LYS B 138 10.06 -11.12 1.96
CA LYS B 138 9.33 -9.91 2.27
C LYS B 138 10.11 -9.04 3.25
N LEU B 139 10.18 -7.75 2.96
CA LEU B 139 10.77 -6.77 3.85
C LEU B 139 9.67 -5.85 4.32
N LYS B 140 9.46 -5.79 5.63
CA LYS B 140 8.44 -4.93 6.22
C LYS B 140 9.08 -4.01 7.24
N LEU B 141 8.72 -2.73 7.17
CA LEU B 141 9.15 -1.74 8.16
C LEU B 141 8.07 -0.68 8.22
N GLY B 142 7.27 -0.68 9.29
CA GLY B 142 6.13 0.22 9.31
C GLY B 142 5.28 0.02 8.06
N GLU B 143 4.93 1.14 7.43
CA GLU B 143 4.13 1.11 6.20
C GLU B 143 4.89 0.47 5.02
N ILE B 144 6.19 0.24 5.14
CA ILE B 144 7.00 -0.24 4.02
C ILE B 144 6.82 -1.75 3.86
N ALA B 145 6.46 -2.17 2.65
CA ALA B 145 6.40 -3.59 2.30
C ALA B 145 7.11 -3.76 0.97
N MET B 146 8.21 -4.51 0.98
CA MET B 146 8.98 -4.72 -0.23
C MET B 146 9.21 -6.21 -0.43
N VAL B 147 9.36 -6.60 -1.70
CA VAL B 147 9.54 -7.99 -2.08
C VAL B 147 10.81 -8.09 -2.90
N ALA B 148 11.70 -9.01 -2.50
CA ALA B 148 12.91 -9.28 -3.26
C ALA B 148 12.63 -10.32 -4.33
N HIS B 149 13.05 -10.04 -5.56
CA HIS B 149 12.98 -11.01 -6.65
C HIS B 149 14.40 -11.25 -7.12
N LEU B 150 14.96 -12.42 -6.82
CA LEU B 150 16.31 -12.71 -7.27
C LEU B 150 16.32 -12.78 -8.79
N THR B 151 17.26 -12.08 -9.41
CA THR B 151 17.37 -11.99 -10.86
C THR B 151 18.82 -12.26 -11.28
N PRO B 152 19.36 -13.44 -10.94
CA PRO B 152 20.77 -13.71 -11.21
C PRO B 152 21.07 -13.70 -12.69
N GLY B 153 22.33 -13.38 -13.00
CA GLY B 153 22.82 -13.39 -14.35
C GLY B 153 24.14 -12.67 -14.37
N HIS B 154 24.07 -11.34 -14.32
CA HIS B 154 25.29 -10.54 -14.22
C HIS B 154 26.12 -10.95 -13.01
N THR B 155 25.48 -11.11 -11.86
CA THR B 155 26.07 -11.78 -10.70
C THR B 155 25.06 -12.81 -10.21
N ILE B 156 25.53 -13.74 -9.38
CA ILE B 156 24.60 -14.71 -8.80
C ILE B 156 23.71 -14.06 -7.74
N GLY B 157 24.11 -12.93 -7.17
CA GLY B 157 23.31 -12.25 -6.15
C GLY B 157 22.37 -11.15 -6.61
N CYS B 158 22.29 -10.86 -7.91
CA CYS B 158 21.44 -9.80 -8.43
C CYS B 158 20.03 -9.89 -7.86
N THR B 159 19.54 -8.76 -7.36
CA THR B 159 18.24 -8.67 -6.72
C THR B 159 17.49 -7.50 -7.36
N SER B 160 16.25 -7.74 -7.74
CA SER B 160 15.31 -6.71 -8.13
C SER B 160 14.26 -6.59 -7.05
N TRP B 161 13.82 -5.36 -6.75
CA TRP B 161 12.90 -5.12 -5.65
C TRP B 161 11.58 -4.58 -6.17
N THR B 162 10.47 -4.96 -5.53
CA THR B 162 9.17 -4.39 -5.87
C THR B 162 8.47 -3.87 -4.62
N THR B 163 7.55 -2.94 -4.85
CA THR B 163 6.75 -2.33 -3.79
C THR B 163 5.55 -1.66 -4.42
N ALA B 164 4.79 -0.92 -3.62
CA ALA B 164 3.62 -0.23 -4.12
C ALA B 164 3.40 1.03 -3.27
N VAL B 165 2.86 2.06 -3.91
CA VAL B 165 2.57 3.32 -3.25
C VAL B 165 1.19 3.77 -3.69
N VAL B 166 0.71 4.85 -3.05
CA VAL B 166 -0.47 5.58 -3.51
C VAL B 166 -0.04 7.02 -3.68
N GLU B 167 -0.34 7.59 -4.85
CA GLU B 167 0.10 8.94 -5.19
C GLU B 167 -1.12 9.74 -5.60
N LYS B 168 -1.51 10.70 -4.74
CA LYS B 168 -2.75 11.48 -4.89
C LYS B 168 -3.96 10.56 -5.04
N GLY B 169 -4.03 9.55 -4.17
CA GLY B 169 -5.14 8.61 -4.20
C GLY B 169 -5.15 7.64 -5.35
N ARG B 170 -4.06 7.53 -6.10
CA ARG B 170 -3.94 6.62 -7.23
C ARG B 170 -2.94 5.53 -6.87
N PRO B 171 -3.35 4.27 -6.79
CA PRO B 171 -2.38 3.20 -6.45
C PRO B 171 -1.46 2.87 -7.62
N LEU B 172 -0.20 2.57 -7.29
CA LEU B 172 0.86 2.37 -8.25
C LEU B 172 1.82 1.27 -7.78
N THR B 173 2.17 0.35 -8.67
CA THR B 173 3.19 -0.65 -8.39
C THR B 173 4.56 -0.12 -8.83
N VAL B 174 5.61 -0.52 -8.11
CA VAL B 174 6.94 0.04 -8.29
C VAL B 174 7.94 -1.11 -8.36
N THR B 175 8.86 -1.05 -9.31
N THR B 175 8.83 -1.07 -9.35
CA THR B 175 9.88 -2.09 -9.42
CA THR B 175 9.90 -2.03 -9.43
C THR B 175 11.24 -1.41 -9.54
C THR B 175 11.23 -1.30 -9.41
N PHE B 176 12.22 -1.93 -8.78
CA PHE B 176 13.61 -1.45 -8.81
C PHE B 176 14.40 -2.59 -9.45
N PRO B 177 14.50 -2.64 -10.77
CA PRO B 177 15.23 -3.74 -11.41
C PRO B 177 16.72 -3.61 -11.12
N CYS B 178 17.42 -4.75 -11.13
N CYS B 178 17.40 -4.75 -11.16
CA CYS B 178 18.87 -4.65 -11.22
CA CYS B 178 18.85 -4.75 -11.28
C CYS B 178 19.24 -4.17 -12.62
C CYS B 178 19.24 -4.13 -12.60
N SER B 179 20.55 -4.05 -12.88
CA SER B 179 20.98 -3.36 -14.10
C SER B 179 20.90 -4.23 -15.34
N LEU B 180 20.71 -5.55 -15.21
CA LEU B 180 20.68 -6.46 -16.36
C LEU B 180 21.91 -6.30 -17.25
N SER B 181 23.05 -6.05 -16.62
CA SER B 181 24.30 -5.81 -17.32
C SER B 181 24.94 -7.11 -17.83
N VAL B 182 25.74 -6.99 -18.89
CA VAL B 182 26.62 -8.06 -19.34
C VAL B 182 28.09 -7.65 -19.29
N ALA B 183 28.39 -6.50 -18.67
CA ALA B 183 29.75 -5.98 -18.64
C ALA B 183 30.71 -6.95 -17.97
N GLY B 184 31.73 -7.37 -18.71
CA GLY B 184 32.74 -8.28 -18.21
C GLY B 184 32.29 -9.70 -17.97
N ASN B 185 31.09 -10.07 -18.42
CA ASN B 185 30.60 -11.42 -18.21
C ASN B 185 31.09 -12.35 -19.31
N VAL B 186 31.50 -13.55 -18.90
CA VAL B 186 31.81 -14.62 -19.83
C VAL B 186 30.54 -15.46 -19.99
N LEU B 187 30.10 -15.62 -21.24
CA LEU B 187 28.82 -16.28 -21.48
C LEU B 187 28.97 -17.64 -22.15
N VAL B 188 30.13 -17.91 -22.73
CA VAL B 188 30.45 -19.21 -23.30
C VAL B 188 31.63 -19.75 -22.52
N GLY B 189 31.45 -20.93 -21.92
CA GLY B 189 32.54 -21.55 -21.19
C GLY B 189 32.83 -20.91 -19.85
N ASN B 190 31.83 -20.31 -19.21
CA ASN B 190 32.02 -19.73 -17.88
C ASN B 190 32.28 -20.85 -16.89
N LYS B 191 33.51 -20.91 -16.38
CA LYS B 191 33.89 -21.99 -15.46
C LYS B 191 33.19 -21.83 -14.11
N THR B 192 33.12 -20.60 -13.60
CA THR B 192 32.50 -20.32 -12.31
C THR B 192 30.97 -20.48 -12.36
N HIS B 193 30.30 -19.47 -12.92
CA HIS B 193 28.84 -19.43 -13.04
C HIS B 193 28.43 -20.22 -14.29
N ARG B 194 28.41 -21.56 -14.15
CA ARG B 194 28.23 -22.43 -15.31
C ARG B 194 26.86 -22.24 -15.97
N THR B 195 25.82 -21.98 -15.18
CA THR B 195 24.46 -21.83 -15.69
C THR B 195 24.11 -20.37 -16.00
N ILE B 196 25.11 -19.56 -16.37
CA ILE B 196 24.89 -18.12 -16.48
C ILE B 196 23.85 -17.79 -17.54
N VAL B 197 23.88 -18.49 -18.67
CA VAL B 197 22.96 -18.14 -19.75
C VAL B 197 21.53 -18.46 -19.36
N ALA B 198 21.32 -19.65 -18.77
CA ALA B 198 19.97 -20.03 -18.34
C ALA B 198 19.47 -19.09 -17.25
N ASP B 199 20.36 -18.62 -16.37
CA ASP B 199 19.96 -17.72 -15.29
C ASP B 199 19.47 -16.38 -15.86
N TYR B 200 20.26 -15.79 -16.77
CA TYR B 200 19.82 -14.57 -17.45
C TYR B 200 18.45 -14.73 -18.07
N ARG B 201 18.25 -15.81 -18.83
CA ARG B 201 16.98 -15.93 -19.54
C ARG B 201 15.82 -16.10 -18.58
N ALA B 202 16.03 -16.81 -17.48
CA ALA B 202 14.99 -16.94 -16.47
C ALA B 202 14.74 -15.60 -15.79
N SER B 203 15.80 -14.82 -15.58
CA SER B 203 15.64 -13.53 -14.93
C SER B 203 14.89 -12.55 -15.82
N PHE B 204 15.18 -12.55 -17.12
CA PHE B 204 14.37 -11.76 -18.06
C PHE B 204 12.89 -12.14 -17.96
N ALA B 205 12.58 -13.44 -17.96
CA ALA B 205 11.19 -13.88 -17.86
C ALA B 205 10.55 -13.42 -16.56
N LYS B 206 11.27 -13.57 -15.43
CA LYS B 206 10.74 -13.15 -14.14
C LYS B 206 10.35 -11.67 -14.15
N LEU B 207 11.25 -10.82 -14.64
CA LEU B 207 11.00 -9.38 -14.62
C LEU B 207 9.82 -9.00 -15.50
N ARG B 208 9.71 -9.64 -16.67
CA ARG B 208 8.55 -9.39 -17.53
C ARG B 208 7.22 -9.71 -16.85
N ALA B 209 7.19 -10.71 -15.99
CA ALA B 209 5.94 -11.14 -15.36
C ALA B 209 5.52 -10.25 -14.18
N ILE B 210 6.20 -9.12 -13.94
CA ILE B 210 5.86 -8.23 -12.83
C ILE B 210 5.14 -7.02 -13.40
N PRO B 211 3.83 -6.88 -13.18
CA PRO B 211 3.16 -5.61 -13.48
C PRO B 211 3.84 -4.48 -12.75
N THR B 212 4.12 -3.40 -13.47
CA THR B 212 4.94 -2.30 -12.95
C THR B 212 4.44 -0.98 -13.49
N ASP B 213 3.88 -0.16 -12.62
CA ASP B 213 3.50 1.19 -13.02
C ASP B 213 4.72 2.12 -13.10
N VAL B 214 5.67 1.95 -12.18
CA VAL B 214 6.79 2.88 -12.03
C VAL B 214 8.06 2.04 -12.00
N MET B 215 8.88 2.18 -13.02
CA MET B 215 10.18 1.50 -13.02
C MET B 215 11.25 2.49 -12.57
N LEU B 216 12.09 2.06 -11.64
CA LEU B 216 13.10 2.93 -11.02
C LEU B 216 14.42 2.19 -11.08
N PRO B 217 15.18 2.37 -12.16
CA PRO B 217 16.37 1.56 -12.39
C PRO B 217 17.59 2.12 -11.67
N ALA B 218 18.69 1.36 -11.76
CA ALA B 218 19.89 1.67 -11.00
C ALA B 218 20.82 2.63 -11.74
N HIS B 219 20.67 2.80 -13.05
CA HIS B 219 21.41 3.81 -13.82
C HIS B 219 20.45 4.83 -14.43
N GLU B 220 20.87 6.10 -14.39
CA GLU B 220 20.03 7.20 -14.86
C GLU B 220 19.55 6.97 -16.30
N GLU B 221 20.47 6.61 -17.20
CA GLU B 221 20.09 6.49 -18.60
C GLU B 221 19.13 5.33 -18.84
N GLN B 222 19.04 4.36 -17.92
CA GLN B 222 18.09 3.27 -18.11
C GLN B 222 16.65 3.70 -17.86
N GLY B 223 16.43 4.85 -17.25
CA GLY B 223 15.08 5.32 -16.97
C GLY B 223 14.83 6.76 -17.36
N ASN B 224 15.83 7.42 -17.95
N ASN B 224 15.84 7.42 -17.93
CA ASN B 224 15.73 8.83 -18.32
CA ASN B 224 15.73 8.83 -18.32
C ASN B 224 15.34 9.68 -17.11
C ASN B 224 15.34 9.68 -17.11
N LEU B 225 15.96 9.39 -15.96
CA LEU B 225 15.52 9.99 -14.71
C LEU B 225 15.70 11.50 -14.69
N LEU B 226 16.80 12.00 -15.28
CA LEU B 226 17.04 13.44 -15.27
C LEU B 226 15.96 14.18 -16.04
N ALA B 227 15.59 13.67 -17.22
CA ALA B 227 14.54 14.32 -17.99
C ALA B 227 13.18 14.20 -17.30
N LYS B 228 12.91 13.05 -16.65
CA LYS B 228 11.66 12.89 -15.91
C LYS B 228 11.57 13.89 -14.76
N ARG B 229 12.68 14.08 -14.03
CA ARG B 229 12.70 15.08 -12.96
C ARG B 229 12.36 16.46 -13.50
N GLN B 230 12.86 16.79 -14.70
CA GLN B 230 12.53 18.06 -15.33
C GLN B 230 11.02 18.18 -15.57
N LYS B 231 10.43 17.17 -16.19
CA LYS B 231 9.00 17.21 -16.48
C LYS B 231 8.16 17.24 -15.20
N GLN B 232 8.70 16.70 -14.12
CA GLN B 232 8.01 16.82 -12.84
C GLN B 232 8.05 18.26 -12.33
N LEU B 233 9.20 18.91 -12.43
CA LEU B 233 9.33 20.30 -12.01
C LEU B 233 8.49 21.25 -12.86
N ARG B 234 8.15 20.86 -14.08
CA ARG B 234 7.29 21.68 -14.92
C ARG B 234 5.82 21.46 -14.63
N GLY B 235 5.47 20.52 -13.75
CA GLY B 235 4.10 20.29 -13.36
C GLY B 235 3.51 18.96 -13.74
N ASP B 236 4.25 18.05 -14.38
CA ASP B 236 3.70 16.74 -14.72
C ASP B 236 3.58 15.92 -13.44
N PRO B 237 2.36 15.59 -12.98
CA PRO B 237 2.21 14.84 -11.73
C PRO B 237 2.46 13.35 -11.88
N ASN B 238 2.77 12.87 -13.09
CA ASN B 238 2.98 11.46 -13.34
C ASN B 238 4.20 11.25 -14.23
N ALA B 239 5.23 12.09 -14.05
CA ALA B 239 6.39 12.04 -14.92
C ALA B 239 7.13 10.71 -14.82
N PHE B 240 6.98 9.99 -13.71
CA PHE B 240 7.69 8.73 -13.50
C PHE B 240 6.84 7.50 -13.78
N VAL B 241 5.59 7.67 -14.20
CA VAL B 241 4.65 6.58 -14.41
C VAL B 241 4.67 6.19 -15.89
N ASP B 242 5.00 4.92 -16.16
CA ASP B 242 4.96 4.35 -17.51
C ASP B 242 4.83 2.84 -17.39
N PRO B 243 3.60 2.31 -17.38
CA PRO B 243 3.40 0.87 -17.17
C PRO B 243 4.10 -0.02 -18.19
N THR B 244 4.51 0.51 -19.32
CA THR B 244 5.17 -0.30 -20.33
C THR B 244 6.68 -0.31 -20.17
N GLU B 245 7.22 0.44 -19.20
CA GLU B 245 8.66 0.71 -19.24
C GLU B 245 9.48 -0.51 -18.85
N LEU B 246 9.07 -1.27 -17.83
CA LEU B 246 9.86 -2.43 -17.42
C LEU B 246 9.94 -3.47 -18.54
N ALA B 247 8.82 -3.70 -19.24
CA ALA B 247 8.83 -4.59 -20.39
C ALA B 247 9.82 -4.13 -21.45
N ARG B 248 9.82 -2.82 -21.74
CA ARG B 248 10.72 -2.30 -22.76
C ARG B 248 12.18 -2.37 -22.30
N PHE B 249 12.43 -2.17 -21.01
CA PHE B 249 13.79 -2.27 -20.49
C PHE B 249 14.31 -3.69 -20.54
N VAL B 250 13.45 -4.66 -20.20
CA VAL B 250 13.87 -6.06 -20.28
C VAL B 250 14.17 -6.44 -21.73
N ASP B 251 13.26 -6.06 -22.64
CA ASP B 251 13.47 -6.36 -24.06
C ASP B 251 14.79 -5.78 -24.56
N ALA B 252 15.09 -4.54 -24.17
CA ALA B 252 16.31 -3.89 -24.63
C ALA B 252 17.54 -4.54 -24.04
N SER B 253 17.49 -4.88 -22.75
CA SER B 253 18.61 -5.56 -22.11
C SER B 253 18.82 -6.95 -22.70
N GLU B 254 17.74 -7.64 -23.04
CA GLU B 254 17.85 -8.98 -23.64
C GLU B 254 18.43 -8.91 -25.05
N ALA B 255 18.06 -7.87 -25.81
CA ALA B 255 18.64 -7.71 -27.15
C ALA B 255 20.15 -7.53 -27.04
N ALA B 256 20.62 -6.74 -26.06
CA ALA B 256 22.05 -6.54 -25.88
C ALA B 256 22.72 -7.81 -25.38
N PHE B 257 22.05 -8.53 -24.47
CA PHE B 257 22.54 -9.83 -24.02
C PHE B 257 22.70 -10.79 -25.20
N ASN B 258 21.67 -10.89 -26.04
CA ASN B 258 21.71 -11.75 -27.21
C ASN B 258 22.89 -11.41 -28.12
N LYS B 259 23.11 -10.12 -28.38
CA LYS B 259 24.22 -9.73 -29.25
C LYS B 259 25.56 -10.11 -28.64
N GLU B 260 25.74 -9.86 -27.35
CA GLU B 260 27.00 -10.24 -26.71
C GLU B 260 27.19 -11.75 -26.72
N LEU B 261 26.12 -12.50 -26.45
CA LEU B 261 26.17 -13.96 -26.52
C LEU B 261 26.60 -14.43 -27.90
N ALA B 262 25.97 -13.89 -28.95
CA ALA B 262 26.31 -14.33 -30.31
C ALA B 262 27.76 -14.00 -30.63
N ARG B 263 28.24 -12.85 -30.14
CA ARG B 263 29.64 -12.49 -30.38
C ARG B 263 30.57 -13.51 -29.73
N GLN B 264 30.35 -13.83 -28.46
CA GLN B 264 31.21 -14.77 -27.77
C GLN B 264 31.12 -16.16 -28.38
N GLN B 265 29.94 -16.55 -28.88
CA GLN B 265 29.82 -17.84 -29.56
C GLN B 265 30.62 -17.88 -30.85
N ALA B 266 30.69 -16.75 -31.58
CA ALA B 266 31.44 -16.76 -32.83
C ALA B 266 32.93 -16.79 -32.59
N ALA B 267 33.41 -16.12 -31.55
CA ALA B 267 34.85 -15.96 -31.32
C ALA B 267 35.53 -17.27 -30.93
#